data_4LI7
#
_entry.id   4LI7
#
_cell.length_a   124.400
_cell.length_b   44.000
_cell.length_c   87.400
_cell.angle_alpha   90.00
_cell.angle_beta   90.40
_cell.angle_gamma   90.00
#
_symmetry.space_group_name_H-M   'C 1 2 1'
#
loop_
_entity.id
_entity.type
_entity.pdbx_description
1 polymer Tankyrase-1
2 non-polymer 'SULFATE ION'
3 non-polymer 'SODIUM ION'
4 non-polymer 4-chloro-5-cyano-N-{2-[4-(4-fluorobenzoyl)piperidin-1-yl]ethyl}-2-methoxybenzamide
5 water water
#
_entity_poly.entity_id   1
_entity_poly.type   'polypeptide(L)'
_entity_poly.pdbx_seq_one_letter_code
;GGTILLDLAPEDKEYQSVEEEMQSTIREHRDGGNAGGIFNRYNVIRIQKVVNKKLRERFCHRQKEVSEENHNHHNERMLF
HGSPFINAIIHKGFDERHAYIGGMFGAGIYFAENSSKSNQYVYGIGGGTGCPTHKDRSCYICHRQMLFCRVTLGKSFLQF
STIKMAHAPPGHHSVIGRPSVNGLAYAEYVIYRGEQAYPEYLITYQIMKPEAPSQTATAAEQKT
;
_entity_poly.pdbx_strand_id   A,B
#
# COMPACT_ATOMS: atom_id res chain seq x y z
N GLY A 2 11.11 -20.41 6.15
CA GLY A 2 11.85 -20.60 4.85
C GLY A 2 10.98 -21.11 3.71
N THR A 3 11.39 -20.84 2.48
CA THR A 3 10.62 -21.30 1.34
C THR A 3 10.99 -22.73 0.95
N ILE A 4 9.99 -23.50 0.56
CA ILE A 4 10.23 -24.86 0.14
C ILE A 4 9.75 -25.01 -1.28
N LEU A 5 10.56 -25.65 -2.10
CA LEU A 5 10.20 -25.87 -3.48
C LEU A 5 9.82 -27.33 -3.74
N LEU A 6 8.55 -27.56 -4.05
CA LEU A 6 8.06 -28.89 -4.36
C LEU A 6 8.27 -29.14 -5.85
N ASP A 7 9.05 -30.16 -6.17
CA ASP A 7 9.33 -30.48 -7.56
C ASP A 7 8.25 -31.32 -8.22
N LEU A 8 7.53 -30.73 -9.16
CA LEU A 8 6.47 -31.44 -9.86
C LEU A 8 7.03 -32.31 -10.97
N ALA A 9 6.51 -33.53 -11.09
CA ALA A 9 6.95 -34.45 -12.13
C ALA A 9 6.21 -34.13 -13.42
N PRO A 10 6.87 -34.29 -14.57
CA PRO A 10 6.28 -34.03 -15.88
C PRO A 10 4.98 -34.83 -16.12
N GLU A 11 4.86 -35.97 -15.46
CA GLU A 11 3.67 -36.81 -15.62
C GLU A 11 2.52 -36.34 -14.73
N ASP A 12 2.75 -35.24 -14.03
CA ASP A 12 1.75 -34.67 -13.15
C ASP A 12 0.72 -33.83 -13.91
N LYS A 13 -0.56 -34.03 -13.63
CA LYS A 13 -1.60 -33.25 -14.29
C LYS A 13 -1.36 -31.75 -14.04
N GLU A 14 -0.96 -31.42 -12.82
CA GLU A 14 -0.68 -30.04 -12.43
C GLU A 14 0.38 -29.48 -13.36
N TYR A 15 1.53 -30.14 -13.35
CA TYR A 15 2.66 -29.76 -14.18
C TYR A 15 2.19 -29.55 -15.60
N GLN A 16 1.44 -30.52 -16.11
CA GLN A 16 0.98 -30.42 -17.49
C GLN A 16 0.03 -29.25 -17.67
N SER A 17 -0.82 -29.05 -16.69
CA SER A 17 -1.77 -27.96 -16.72
C SER A 17 -1.02 -26.61 -16.76
N VAL A 18 0.01 -26.47 -15.93
CA VAL A 18 0.75 -25.22 -15.91
C VAL A 18 1.52 -25.02 -17.21
N GLU A 19 2.18 -26.07 -17.70
CA GLU A 19 2.90 -25.93 -18.94
C GLU A 19 1.95 -25.60 -20.07
N GLU A 20 0.78 -26.24 -20.08
CA GLU A 20 -0.20 -25.97 -21.14
C GLU A 20 -0.60 -24.49 -21.17
N GLU A 21 -0.81 -23.92 -19.99
CA GLU A 21 -1.19 -22.51 -19.84
C GLU A 21 -0.07 -21.59 -20.31
N MET A 22 1.17 -21.98 -20.05
CA MET A 22 2.28 -21.16 -20.46
C MET A 22 2.48 -21.19 -21.97
N GLN A 23 2.48 -22.38 -22.56
CA GLN A 23 2.67 -22.57 -24.00
C GLN A 23 1.54 -21.97 -24.83
N SER A 24 0.31 -22.09 -24.36
CA SER A 24 -0.83 -21.60 -25.11
C SER A 24 -1.11 -20.12 -25.04
N THR A 25 -0.37 -19.41 -24.20
CA THR A 25 -0.60 -17.98 -24.08
C THR A 25 0.56 -17.17 -24.62
N ILE A 26 1.30 -17.76 -25.54
CA ILE A 26 2.40 -17.06 -26.16
C ILE A 26 1.72 -16.22 -27.24
N ARG A 27 2.09 -14.96 -27.39
CA ARG A 27 1.46 -14.17 -28.43
C ARG A 27 2.46 -13.26 -29.08
N GLU A 28 2.12 -12.74 -30.26
CA GLU A 28 3.00 -11.82 -30.97
C GLU A 28 2.89 -10.52 -30.22
N HIS A 29 4.02 -9.89 -29.96
CA HIS A 29 3.99 -8.63 -29.26
C HIS A 29 4.36 -7.53 -30.23
N ARG A 30 3.80 -6.36 -29.99
CA ARG A 30 4.00 -5.20 -30.82
C ARG A 30 5.46 -4.87 -31.04
N ASP A 31 6.31 -5.19 -30.07
CA ASP A 31 7.72 -4.88 -30.22
C ASP A 31 8.45 -5.87 -31.13
N GLY A 32 7.71 -6.76 -31.79
CA GLY A 32 8.34 -7.71 -32.70
C GLY A 32 9.33 -8.66 -32.05
N GLY A 33 9.21 -8.86 -30.74
CA GLY A 33 10.09 -9.75 -30.00
C GLY A 33 11.28 -9.04 -29.37
N ASN A 34 11.37 -7.73 -29.57
CA ASN A 34 12.49 -6.98 -29.02
C ASN A 34 12.84 -7.29 -27.56
N ALA A 35 11.85 -7.14 -26.67
CA ALA A 35 12.06 -7.35 -25.25
C ALA A 35 12.20 -8.80 -24.77
N GLY A 36 11.37 -9.70 -25.27
CA GLY A 36 11.41 -11.08 -24.81
C GLY A 36 12.11 -12.09 -25.68
N GLY A 37 12.38 -11.73 -26.93
CA GLY A 37 13.02 -12.68 -27.80
C GLY A 37 12.02 -13.20 -28.82
N ILE A 38 12.52 -13.99 -29.77
CA ILE A 38 11.69 -14.55 -30.82
C ILE A 38 11.50 -16.05 -30.62
N PHE A 39 10.26 -16.46 -30.46
CA PHE A 39 9.97 -17.87 -30.24
C PHE A 39 8.49 -18.17 -30.41
N ASN A 40 8.16 -19.46 -30.48
CA ASN A 40 6.78 -19.89 -30.63
C ASN A 40 6.45 -20.84 -29.52
N ARG A 41 7.48 -21.30 -28.84
CA ARG A 41 7.28 -22.28 -27.79
C ARG A 41 8.40 -22.22 -26.76
N TYR A 42 8.12 -22.70 -25.56
CA TYR A 42 9.12 -22.72 -24.52
C TYR A 42 9.60 -24.15 -24.27
N ASN A 43 10.82 -24.27 -23.79
CA ASN A 43 11.31 -25.56 -23.39
C ASN A 43 11.26 -25.44 -21.86
N VAL A 44 10.29 -26.10 -21.24
CA VAL A 44 10.11 -26.06 -19.79
C VAL A 44 11.09 -27.03 -19.13
N ILE A 45 12.07 -26.48 -18.41
CA ILE A 45 13.09 -27.27 -17.73
C ILE A 45 12.48 -27.93 -16.50
N ARG A 46 11.75 -27.16 -15.71
CA ARG A 46 11.11 -27.71 -14.52
C ARG A 46 10.02 -26.78 -14.01
N ILE A 47 9.08 -27.35 -13.27
CA ILE A 47 8.04 -26.54 -12.67
C ILE A 47 8.02 -26.92 -11.21
N GLN A 48 8.05 -25.93 -10.34
CA GLN A 48 8.05 -26.20 -8.91
C GLN A 48 6.98 -25.42 -8.18
N LYS A 49 6.48 -26.01 -7.10
CA LYS A 49 5.47 -25.36 -6.31
C LYS A 49 6.17 -24.70 -5.14
N VAL A 50 5.85 -23.43 -4.91
CA VAL A 50 6.44 -22.66 -3.83
C VAL A 50 5.59 -22.80 -2.58
N VAL A 51 6.22 -23.24 -1.49
CA VAL A 51 5.57 -23.40 -0.20
C VAL A 51 6.30 -22.51 0.81
N ASN A 52 5.60 -21.50 1.29
CA ASN A 52 6.17 -20.62 2.28
C ASN A 52 5.04 -20.20 3.18
N LYS A 53 5.13 -20.66 4.41
CA LYS A 53 4.13 -20.42 5.43
C LYS A 53 3.77 -18.95 5.67
N LYS A 54 4.77 -18.08 5.82
CA LYS A 54 4.52 -16.66 6.06
C LYS A 54 3.76 -16.07 4.89
N LEU A 55 4.19 -16.40 3.68
CA LEU A 55 3.55 -15.90 2.47
C LEU A 55 2.12 -16.38 2.34
N ARG A 56 1.90 -17.64 2.69
CA ARG A 56 0.57 -18.21 2.65
C ARG A 56 -0.28 -17.49 3.67
N GLU A 57 0.24 -17.34 4.87
CA GLU A 57 -0.53 -16.67 5.93
C GLU A 57 -0.91 -15.25 5.50
N ARG A 58 0.06 -14.49 4.99
CA ARG A 58 -0.26 -13.13 4.59
C ARG A 58 -1.28 -13.14 3.47
N PHE A 59 -1.12 -14.05 2.52
CA PHE A 59 -2.06 -14.13 1.44
C PHE A 59 -3.48 -14.46 1.91
N CYS A 60 -3.60 -15.43 2.82
CA CYS A 60 -4.93 -15.80 3.35
C CYS A 60 -5.55 -14.62 4.07
N HIS A 61 -4.78 -14.01 4.97
CA HIS A 61 -5.26 -12.87 5.74
C HIS A 61 -5.80 -11.80 4.81
N ARG A 62 -5.06 -11.51 3.75
CA ARG A 62 -5.48 -10.49 2.81
C ARG A 62 -6.73 -10.84 1.97
N GLN A 63 -6.83 -12.06 1.45
CA GLN A 63 -8.00 -12.38 0.65
C GLN A 63 -9.26 -12.30 1.52
N LYS A 64 -9.06 -12.48 2.82
CA LYS A 64 -10.17 -12.44 3.75
C LYS A 64 -10.74 -11.03 3.76
N GLU A 65 -9.85 -10.03 3.84
CA GLU A 65 -10.26 -8.63 3.86
C GLU A 65 -10.85 -8.26 2.50
N VAL A 66 -10.27 -8.82 1.45
CA VAL A 66 -10.75 -8.53 0.11
C VAL A 66 -12.16 -9.04 -0.12
N SER A 67 -12.39 -10.34 0.11
CA SER A 67 -13.70 -10.90 -0.10
C SER A 67 -14.72 -10.14 0.75
N GLU A 68 -14.32 -9.77 1.96
CA GLU A 68 -15.17 -9.01 2.89
C GLU A 68 -15.63 -7.69 2.26
N GLU A 69 -14.91 -7.24 1.24
CA GLU A 69 -15.22 -5.98 0.55
C GLU A 69 -15.73 -6.24 -0.86
N ASN A 70 -15.64 -7.48 -1.30
CA ASN A 70 -16.06 -7.80 -2.64
C ASN A 70 -17.18 -8.81 -2.62
N HIS A 71 -18.16 -8.53 -1.77
CA HIS A 71 -19.34 -9.39 -1.64
C HIS A 71 -18.95 -10.84 -1.48
N ASN A 72 -18.05 -11.07 -0.53
CA ASN A 72 -17.56 -12.40 -0.19
C ASN A 72 -16.98 -13.18 -1.34
N HIS A 73 -16.24 -12.50 -2.19
CA HIS A 73 -15.60 -13.13 -3.32
C HIS A 73 -14.16 -12.65 -3.43
N HIS A 74 -13.24 -13.61 -3.50
CA HIS A 74 -11.83 -13.32 -3.64
C HIS A 74 -11.57 -12.76 -5.03
N ASN A 75 -12.24 -13.38 -6.00
CA ASN A 75 -12.08 -13.07 -7.41
C ASN A 75 -10.60 -13.35 -7.72
N GLU A 76 -10.18 -14.57 -7.42
CA GLU A 76 -8.81 -14.99 -7.64
C GLU A 76 -8.60 -15.42 -9.08
N ARG A 77 -7.38 -15.27 -9.57
CA ARG A 77 -7.04 -15.66 -10.93
C ARG A 77 -5.56 -15.99 -11.04
N MET A 78 -5.26 -17.06 -11.76
CA MET A 78 -3.88 -17.46 -11.94
C MET A 78 -3.31 -16.60 -13.06
N LEU A 79 -2.23 -15.89 -12.77
CA LEU A 79 -1.64 -15.03 -13.80
C LEU A 79 -0.14 -15.16 -13.76
N PHE A 80 0.51 -14.80 -14.86
CA PHE A 80 1.95 -14.89 -14.92
C PHE A 80 2.61 -13.60 -14.49
N HIS A 81 3.81 -13.74 -13.95
CA HIS A 81 4.62 -12.60 -13.60
C HIS A 81 6.05 -13.00 -13.87
N GLY A 82 6.78 -12.10 -14.51
CA GLY A 82 8.18 -12.38 -14.76
C GLY A 82 8.94 -11.08 -14.46
N SER A 83 10.12 -11.17 -13.87
CA SER A 83 10.94 -10.01 -13.53
C SER A 83 12.26 -10.56 -13.01
N PRO A 84 13.27 -9.70 -12.83
CA PRO A 84 14.57 -10.18 -12.33
C PRO A 84 14.60 -10.49 -10.83
N PHE A 85 13.47 -10.33 -10.14
CA PHE A 85 13.45 -10.56 -8.70
C PHE A 85 12.72 -11.83 -8.25
N ILE A 86 12.49 -12.73 -9.20
CA ILE A 86 11.77 -13.98 -8.88
C ILE A 86 12.30 -14.64 -7.61
N ASN A 87 13.62 -14.70 -7.48
CA ASN A 87 14.19 -15.33 -6.29
C ASN A 87 13.83 -14.64 -4.99
N ALA A 88 13.83 -13.31 -4.98
CA ALA A 88 13.47 -12.59 -3.77
C ALA A 88 11.97 -12.78 -3.54
N ILE A 89 11.21 -12.89 -4.63
CA ILE A 89 9.78 -13.03 -4.51
C ILE A 89 9.37 -14.35 -3.86
N ILE A 90 9.98 -15.46 -4.27
CA ILE A 90 9.60 -16.74 -3.66
C ILE A 90 10.00 -16.83 -2.17
N HIS A 91 10.90 -15.98 -1.71
CA HIS A 91 11.33 -16.03 -0.30
C HIS A 91 10.71 -14.96 0.56
N LYS A 92 10.49 -13.77 0.00
CA LYS A 92 9.95 -12.66 0.75
C LYS A 92 8.61 -12.19 0.24
N GLY A 93 8.16 -12.77 -0.87
CA GLY A 93 6.87 -12.37 -1.43
C GLY A 93 6.94 -11.13 -2.29
N PHE A 94 5.84 -10.82 -2.96
CA PHE A 94 5.80 -9.62 -3.80
C PHE A 94 5.89 -8.37 -2.91
N ASP A 95 6.55 -7.33 -3.40
CA ASP A 95 6.69 -6.13 -2.58
C ASP A 95 6.45 -4.89 -3.42
N GLU A 96 5.31 -4.23 -3.19
CA GLU A 96 4.98 -3.03 -3.97
C GLU A 96 5.91 -1.87 -3.69
N ARG A 97 6.71 -1.93 -2.63
CA ARG A 97 7.62 -0.83 -2.36
C ARG A 97 8.70 -0.75 -3.43
N HIS A 98 8.85 -1.83 -4.19
CA HIS A 98 9.84 -1.86 -5.28
C HIS A 98 9.22 -1.37 -6.57
N ALA A 99 7.99 -0.90 -6.51
CA ALA A 99 7.30 -0.36 -7.68
C ALA A 99 7.23 1.17 -7.55
N GLY A 103 5.55 2.98 -14.20
CA GLY A 103 4.61 1.90 -14.45
C GLY A 103 3.38 2.42 -15.17
N MET A 104 2.97 1.75 -16.24
CA MET A 104 1.82 2.22 -17.00
C MET A 104 0.53 2.45 -16.23
N PHE A 105 0.38 1.80 -15.09
CA PHE A 105 -0.82 1.99 -14.30
C PHE A 105 -0.45 2.20 -12.86
N GLY A 106 0.70 2.85 -12.67
CA GLY A 106 1.14 3.15 -11.33
C GLY A 106 2.13 2.22 -10.67
N ALA A 107 2.38 2.56 -9.42
CA ALA A 107 3.33 1.83 -8.58
C ALA A 107 2.70 0.56 -8.04
N GLY A 108 2.32 -0.32 -8.95
CA GLY A 108 1.72 -1.57 -8.54
C GLY A 108 2.60 -2.74 -8.95
N ILE A 109 2.13 -3.95 -8.71
CA ILE A 109 2.84 -5.18 -9.06
C ILE A 109 2.04 -5.74 -10.22
N TYR A 110 2.70 -5.97 -11.36
CA TYR A 110 2.03 -6.42 -12.58
C TYR A 110 1.98 -7.93 -12.92
N PHE A 111 0.90 -8.35 -13.55
CA PHE A 111 0.71 -9.75 -13.94
C PHE A 111 0.09 -9.80 -15.33
N ALA A 112 0.42 -10.83 -16.08
CA ALA A 112 -0.11 -10.94 -17.43
C ALA A 112 -0.84 -12.26 -17.61
N GLU A 113 -1.86 -12.25 -18.47
CA GLU A 113 -2.58 -13.50 -18.75
C GLU A 113 -1.71 -14.27 -19.75
N ASN A 114 -0.92 -13.54 -20.54
CA ASN A 114 -0.04 -14.13 -21.55
C ASN A 114 1.36 -14.33 -20.99
N SER A 115 1.79 -15.58 -20.98
CA SER A 115 3.11 -15.90 -20.49
C SER A 115 4.18 -15.14 -21.27
N SER A 116 3.94 -14.93 -22.56
CA SER A 116 4.91 -14.22 -23.40
C SER A 116 5.09 -12.77 -22.97
N LYS A 117 4.03 -12.20 -22.40
CA LYS A 117 4.09 -10.84 -21.87
C LYS A 117 5.04 -10.80 -20.65
N SER A 118 4.90 -11.78 -19.76
CA SER A 118 5.76 -11.84 -18.58
C SER A 118 7.22 -12.09 -19.01
N ASN A 119 7.40 -12.90 -20.03
CA ASN A 119 8.74 -13.20 -20.50
C ASN A 119 9.44 -11.93 -20.94
N GLN A 120 8.68 -10.95 -21.40
CA GLN A 120 9.28 -9.69 -21.82
C GLN A 120 9.92 -8.97 -20.65
N TYR A 121 9.50 -9.31 -19.43
CA TYR A 121 10.02 -8.64 -18.24
C TYR A 121 11.03 -9.43 -17.43
N VAL A 122 11.21 -10.68 -17.79
CA VAL A 122 12.14 -11.52 -17.04
C VAL A 122 13.50 -10.88 -16.83
N TYR A 123 14.03 -10.20 -17.85
CA TYR A 123 15.35 -9.57 -17.71
C TYR A 123 15.33 -8.09 -17.37
N GLY A 124 14.13 -7.57 -17.13
CA GLY A 124 13.98 -6.17 -16.78
C GLY A 124 12.91 -5.54 -17.64
N ILE A 125 12.75 -4.24 -17.50
CA ILE A 125 11.77 -3.49 -18.28
C ILE A 125 12.28 -3.51 -19.72
N GLY A 126 11.40 -3.83 -20.66
CA GLY A 126 11.83 -3.88 -22.04
C GLY A 126 12.88 -4.96 -22.24
N GLY A 127 12.94 -5.91 -21.31
CA GLY A 127 13.91 -6.98 -21.40
C GLY A 127 15.31 -6.60 -20.96
N GLY A 128 15.47 -5.36 -20.51
CA GLY A 128 16.77 -4.88 -20.05
C GLY A 128 17.86 -5.07 -21.08
N THR A 129 19.01 -5.59 -20.65
CA THR A 129 20.10 -5.84 -21.57
C THR A 129 20.17 -7.35 -21.82
N GLY A 130 19.04 -8.01 -21.59
CA GLY A 130 18.97 -9.43 -21.84
C GLY A 130 19.62 -10.28 -20.77
N CYS A 131 19.88 -11.54 -21.09
CA CYS A 131 20.51 -12.45 -20.16
C CYS A 131 21.88 -11.92 -19.71
N PRO A 132 22.29 -12.27 -18.48
CA PRO A 132 23.58 -11.84 -17.93
C PRO A 132 24.79 -12.28 -18.77
N THR A 133 24.84 -13.57 -19.08
CA THR A 133 25.97 -14.09 -19.83
C THR A 133 26.14 -13.48 -21.23
N HIS A 134 25.10 -13.49 -22.05
CA HIS A 134 25.23 -12.98 -23.40
C HIS A 134 24.63 -11.62 -23.73
N LYS A 135 24.02 -10.94 -22.77
CA LYS A 135 23.43 -9.63 -23.07
C LYS A 135 22.50 -9.82 -24.26
N ASP A 136 21.80 -10.94 -24.27
CA ASP A 136 20.91 -11.24 -25.38
C ASP A 136 19.48 -11.43 -24.91
N ARG A 137 18.61 -10.53 -25.33
CA ARG A 137 17.21 -10.60 -24.95
C ARG A 137 16.51 -11.80 -25.57
N SER A 138 17.04 -12.31 -26.67
CA SER A 138 16.46 -13.50 -27.28
C SER A 138 17.34 -14.74 -27.07
N CYS A 139 18.14 -14.72 -26.02
CA CYS A 139 19.02 -15.85 -25.72
C CYS A 139 18.24 -17.16 -25.62
N TYR A 140 18.76 -18.19 -26.30
CA TYR A 140 18.13 -19.49 -26.30
C TYR A 140 18.91 -20.45 -25.42
N ILE A 141 19.95 -19.97 -24.79
CA ILE A 141 20.79 -20.81 -23.96
C ILE A 141 20.45 -20.71 -22.47
N CYS A 142 20.57 -19.49 -21.97
CA CYS A 142 20.31 -19.18 -20.57
C CYS A 142 18.90 -19.50 -20.08
N HIS A 143 18.83 -20.11 -18.90
CA HIS A 143 17.57 -20.48 -18.27
C HIS A 143 16.85 -19.26 -17.69
N ARG A 144 15.57 -19.13 -17.98
CA ARG A 144 14.77 -18.02 -17.48
C ARG A 144 13.81 -18.56 -16.43
N GLN A 145 13.33 -17.68 -15.56
CA GLN A 145 12.36 -18.06 -14.56
C GLN A 145 11.16 -17.15 -14.67
N MET A 146 10.00 -17.74 -14.39
CA MET A 146 8.73 -17.03 -14.47
C MET A 146 7.82 -17.61 -13.41
N LEU A 147 6.88 -16.80 -12.93
CA LEU A 147 5.94 -17.27 -11.91
C LEU A 147 4.53 -17.37 -12.48
N PHE A 148 3.78 -18.34 -12.00
CA PHE A 148 2.40 -18.48 -12.42
C PHE A 148 1.76 -18.38 -11.05
N CYS A 149 1.13 -17.24 -10.79
CA CYS A 149 0.59 -16.94 -9.47
C CYS A 149 -0.91 -16.83 -9.23
N ARG A 150 -1.27 -16.97 -7.95
CA ARG A 150 -2.65 -16.80 -7.53
C ARG A 150 -2.70 -15.31 -7.24
N VAL A 151 -3.56 -14.60 -7.94
CA VAL A 151 -3.67 -13.17 -7.70
C VAL A 151 -5.08 -12.88 -7.22
N THR A 152 -5.17 -12.23 -6.07
CA THR A 152 -6.43 -11.84 -5.47
C THR A 152 -6.80 -10.49 -6.07
N LEU A 153 -7.68 -10.53 -7.06
CA LEU A 153 -8.11 -9.33 -7.74
C LEU A 153 -9.23 -8.58 -7.01
N GLY A 154 -10.10 -9.32 -6.32
CA GLY A 154 -11.21 -8.68 -5.62
C GLY A 154 -11.99 -7.85 -6.63
N LYS A 155 -12.50 -6.71 -6.22
CA LYS A 155 -13.24 -5.85 -7.16
C LYS A 155 -12.26 -5.07 -8.03
N SER A 156 -12.21 -5.38 -9.32
CA SER A 156 -11.30 -4.71 -10.24
C SER A 156 -11.80 -3.39 -10.79
N PHE A 157 -10.91 -2.42 -10.85
CA PHE A 157 -11.24 -1.14 -11.43
C PHE A 157 -10.72 -1.21 -12.85
N LEU A 158 -11.53 -0.81 -13.84
CA LEU A 158 -11.10 -0.85 -15.23
C LEU A 158 -10.53 0.50 -15.64
N GLN A 159 -9.28 0.50 -16.07
CA GLN A 159 -8.62 1.72 -16.48
C GLN A 159 -8.32 1.61 -17.97
N PHE A 160 -8.75 2.60 -18.75
CA PHE A 160 -8.56 2.59 -20.20
C PHE A 160 -7.56 3.60 -20.73
N SER A 161 -6.72 4.11 -19.84
CA SER A 161 -5.71 5.09 -20.22
C SER A 161 -4.59 5.00 -19.20
N THR A 162 -3.38 5.29 -19.65
CA THR A 162 -2.26 5.22 -18.75
C THR A 162 -2.53 6.21 -17.60
N ILE A 163 -2.20 5.80 -16.39
CA ILE A 163 -2.42 6.63 -15.22
C ILE A 163 -1.43 6.20 -14.14
N LYS A 164 -0.89 7.16 -13.42
CA LYS A 164 0.05 6.84 -12.36
C LYS A 164 -0.69 6.68 -11.05
N MET A 165 -1.19 5.48 -10.79
CA MET A 165 -1.91 5.23 -9.55
C MET A 165 -0.98 4.71 -8.47
N ALA A 166 -1.31 5.09 -7.24
CA ALA A 166 -0.54 4.66 -6.08
C ALA A 166 -1.20 3.42 -5.49
N HIS A 167 -2.53 3.39 -5.56
CA HIS A 167 -3.32 2.30 -4.99
C HIS A 167 -4.54 2.08 -5.85
N ALA A 168 -5.28 0.99 -5.61
CA ALA A 168 -6.50 0.78 -6.39
C ALA A 168 -7.45 1.87 -5.94
N PRO A 169 -8.42 2.21 -6.80
CA PRO A 169 -9.40 3.25 -6.48
C PRO A 169 -10.22 2.84 -5.28
N PRO A 170 -10.78 3.82 -4.56
CA PRO A 170 -11.59 3.52 -3.38
C PRO A 170 -12.56 2.38 -3.66
N GLY A 171 -12.70 1.48 -2.69
CA GLY A 171 -13.58 0.35 -2.86
C GLY A 171 -13.09 -0.68 -3.85
N HIS A 172 -11.86 -0.55 -4.35
CA HIS A 172 -11.33 -1.54 -5.30
C HIS A 172 -10.07 -2.21 -4.74
N HIS A 173 -9.66 -3.31 -5.36
CA HIS A 173 -8.50 -4.04 -4.89
C HIS A 173 -7.52 -4.33 -6.00
N SER A 174 -7.92 -4.03 -7.22
CA SER A 174 -7.03 -4.25 -8.34
C SER A 174 -7.39 -3.34 -9.50
N VAL A 175 -6.49 -3.27 -10.46
CA VAL A 175 -6.71 -2.45 -11.62
C VAL A 175 -6.45 -3.28 -12.86
N ILE A 176 -7.45 -3.40 -13.73
CA ILE A 176 -7.24 -4.09 -14.99
C ILE A 176 -7.07 -2.94 -15.96
N GLY A 177 -5.86 -2.78 -16.48
CA GLY A 177 -5.56 -1.68 -17.37
C GLY A 177 -5.39 -2.00 -18.84
N ARG A 178 -5.82 -1.06 -19.67
CA ARG A 178 -5.71 -1.22 -21.11
C ARG A 178 -5.04 -0.01 -21.77
N TYR A 186 -4.05 -4.97 -25.04
CA TYR A 186 -4.51 -6.02 -24.13
C TYR A 186 -4.84 -5.49 -22.73
N ALA A 187 -4.74 -6.37 -21.74
CA ALA A 187 -5.04 -5.97 -20.38
C ALA A 187 -3.91 -6.37 -19.44
N GLU A 188 -3.53 -5.44 -18.58
CA GLU A 188 -2.51 -5.71 -17.58
C GLU A 188 -3.27 -5.80 -16.27
N TYR A 189 -2.90 -6.76 -15.43
CA TYR A 189 -3.52 -6.93 -14.14
C TYR A 189 -2.57 -6.36 -13.12
N VAL A 190 -3.03 -5.35 -12.40
CA VAL A 190 -2.18 -4.70 -11.43
C VAL A 190 -2.79 -4.63 -10.05
N ILE A 191 -2.03 -5.08 -9.06
CA ILE A 191 -2.49 -4.99 -7.68
C ILE A 191 -1.53 -4.03 -6.98
N TYR A 192 -1.94 -3.47 -5.86
CA TYR A 192 -1.10 -2.51 -5.19
C TYR A 192 -0.59 -2.95 -3.82
N ARG A 193 -0.87 -4.20 -3.49
CA ARG A 193 -0.40 -4.80 -2.24
C ARG A 193 0.20 -6.16 -2.53
N GLY A 194 1.45 -6.35 -2.12
CA GLY A 194 2.11 -7.62 -2.35
C GLY A 194 1.34 -8.85 -1.86
N GLU A 195 0.61 -8.71 -0.75
CA GLU A 195 -0.17 -9.82 -0.19
C GLU A 195 -1.31 -10.32 -1.05
N GLN A 196 -1.66 -9.62 -2.12
CA GLN A 196 -2.74 -10.11 -2.95
C GLN A 196 -2.25 -11.06 -4.05
N ALA A 197 -1.01 -11.50 -3.95
CA ALA A 197 -0.46 -12.44 -4.91
C ALA A 197 0.40 -13.46 -4.19
N TYR A 198 0.26 -14.73 -4.56
CA TYR A 198 1.11 -15.75 -3.98
C TYR A 198 1.77 -16.41 -5.19
N PRO A 199 3.12 -16.46 -5.20
CA PRO A 199 3.93 -17.05 -6.28
C PRO A 199 3.82 -18.57 -6.25
N GLU A 200 2.66 -19.09 -6.65
CA GLU A 200 2.38 -20.53 -6.65
C GLU A 200 3.39 -21.41 -7.39
N TYR A 201 3.59 -21.14 -8.68
CA TYR A 201 4.52 -21.95 -9.45
C TYR A 201 5.75 -21.21 -9.93
N LEU A 202 6.91 -21.83 -9.73
CA LEU A 202 8.16 -21.27 -10.21
C LEU A 202 8.45 -22.11 -11.47
N ILE A 203 8.44 -21.47 -12.63
CA ILE A 203 8.70 -22.17 -13.87
C ILE A 203 10.10 -21.82 -14.36
N THR A 204 10.91 -22.84 -14.64
CA THR A 204 12.26 -22.60 -15.12
C THR A 204 12.18 -23.04 -16.59
N TYR A 205 12.67 -22.21 -17.50
CA TYR A 205 12.55 -22.56 -18.89
C TYR A 205 13.54 -21.81 -19.78
N GLN A 206 13.44 -22.09 -21.08
CA GLN A 206 14.24 -21.43 -22.10
C GLN A 206 13.25 -21.11 -23.20
N ILE A 207 13.46 -20.03 -23.95
CA ILE A 207 12.56 -19.82 -25.08
C ILE A 207 13.22 -20.71 -26.16
N MET A 208 12.46 -21.13 -27.17
CA MET A 208 13.01 -21.97 -28.21
C MET A 208 13.10 -21.27 -29.53
N LYS A 209 14.24 -21.41 -30.19
CA LYS A 209 14.44 -20.79 -31.48
C LYS A 209 13.50 -21.46 -32.48
N PRO A 210 12.68 -20.68 -33.19
CA PRO A 210 11.76 -21.29 -34.16
C PRO A 210 12.53 -22.06 -35.22
N GLU A 211 11.92 -23.08 -35.83
CA GLU A 211 12.65 -23.83 -36.85
C GLU A 211 12.67 -23.10 -38.18
N ALA A 212 13.73 -23.33 -38.95
CA ALA A 212 13.89 -22.70 -40.25
C ALA A 212 12.83 -23.21 -41.25
N GLY B 2 -18.82 -4.03 15.02
CA GLY B 2 -18.65 -2.59 14.61
C GLY B 2 -17.87 -1.76 15.61
N THR B 3 -18.04 -0.45 15.53
CA THR B 3 -17.33 0.44 16.43
C THR B 3 -18.14 0.84 17.65
N ILE B 4 -17.42 1.01 18.76
CA ILE B 4 -18.01 1.43 20.01
C ILE B 4 -17.16 2.61 20.47
N LEU B 5 -17.81 3.66 20.92
CA LEU B 5 -17.08 4.83 21.41
C LEU B 5 -17.25 4.86 22.92
N LEU B 6 -16.14 4.92 23.64
CA LEU B 6 -16.26 4.94 25.10
C LEU B 6 -15.84 6.31 25.59
N ASP B 7 -16.73 7.01 26.28
CA ASP B 7 -16.44 8.32 26.82
C ASP B 7 -15.45 8.25 27.95
N LEU B 8 -14.50 9.17 27.96
CA LEU B 8 -13.55 9.20 29.06
C LEU B 8 -13.98 10.37 29.90
N ALA B 9 -14.04 10.16 31.20
CA ALA B 9 -14.44 11.24 32.09
C ALA B 9 -13.26 12.16 32.22
N PRO B 10 -13.51 13.46 32.40
CA PRO B 10 -12.50 14.50 32.57
C PRO B 10 -11.59 14.24 33.76
N GLU B 11 -12.11 13.52 34.76
CA GLU B 11 -11.32 13.21 35.95
C GLU B 11 -10.35 12.09 35.66
N ASP B 12 -10.62 11.35 34.58
CA ASP B 12 -9.79 10.24 34.17
C ASP B 12 -8.44 10.78 33.66
N LYS B 13 -7.35 10.31 34.26
CA LYS B 13 -6.01 10.75 33.89
C LYS B 13 -5.66 10.47 32.41
N GLU B 14 -6.35 9.53 31.80
CA GLU B 14 -6.12 9.21 30.40
C GLU B 14 -6.73 10.34 29.59
N TYR B 15 -7.86 10.82 30.06
CA TYR B 15 -8.54 11.92 29.40
C TYR B 15 -7.58 13.10 29.50
N GLN B 16 -7.11 13.36 30.71
CA GLN B 16 -6.19 14.47 30.96
C GLN B 16 -4.92 14.42 30.12
N SER B 17 -4.31 13.25 30.05
CA SER B 17 -3.09 13.08 29.26
C SER B 17 -3.32 13.47 27.79
N VAL B 18 -4.41 12.96 27.20
CA VAL B 18 -4.70 13.28 25.80
C VAL B 18 -4.90 14.78 25.60
N GLU B 19 -5.77 15.40 26.41
CA GLU B 19 -6.02 16.84 26.28
C GLU B 19 -4.75 17.67 26.45
N GLU B 20 -3.93 17.30 27.41
CA GLU B 20 -2.70 18.04 27.62
C GLU B 20 -1.80 17.94 26.38
N GLU B 21 -1.78 16.75 25.77
CA GLU B 21 -0.96 16.54 24.57
C GLU B 21 -1.53 17.40 23.41
N MET B 22 -2.85 17.43 23.30
CA MET B 22 -3.48 18.24 22.27
C MET B 22 -3.19 19.73 22.53
N GLN B 23 -3.46 20.16 23.76
CA GLN B 23 -3.26 21.56 24.15
C GLN B 23 -1.82 22.04 24.11
N SER B 24 -0.86 21.23 24.54
CA SER B 24 0.52 21.70 24.53
C SER B 24 1.25 21.66 23.20
N THR B 25 0.66 21.02 22.18
CA THR B 25 1.31 20.95 20.88
C THR B 25 0.76 21.90 19.84
N ILE B 26 0.13 22.96 20.32
CA ILE B 26 -0.42 23.98 19.44
C ILE B 26 0.78 24.84 19.03
N ARG B 27 0.92 25.15 17.74
CA ARG B 27 2.06 25.96 17.31
C ARG B 27 1.67 26.92 16.20
N GLU B 28 2.50 27.94 15.98
CA GLU B 28 2.24 28.91 14.92
C GLU B 28 2.42 28.21 13.58
N HIS B 29 1.60 28.58 12.60
CA HIS B 29 1.71 28.00 11.28
C HIS B 29 1.95 29.04 10.21
N ARG B 30 2.74 28.65 9.22
CA ARG B 30 3.07 29.52 8.13
C ARG B 30 1.90 30.34 7.57
N ASP B 31 0.73 29.74 7.34
CA ASP B 31 -0.36 30.54 6.77
C ASP B 31 -0.92 31.58 7.73
N GLY B 32 -0.30 31.75 8.90
CA GLY B 32 -0.80 32.73 9.84
C GLY B 32 -2.13 32.38 10.52
N GLY B 33 -2.71 31.22 10.22
CA GLY B 33 -3.96 30.83 10.85
C GLY B 33 -5.07 30.68 9.84
N ASN B 34 -4.73 30.89 8.57
CA ASN B 34 -5.74 30.80 7.53
C ASN B 34 -6.43 29.47 7.43
N ALA B 35 -5.63 28.40 7.44
CA ALA B 35 -6.18 27.06 7.30
C ALA B 35 -6.98 26.57 8.51
N GLY B 36 -6.42 26.68 9.72
CA GLY B 36 -7.12 26.18 10.88
C GLY B 36 -7.74 27.16 11.85
N GLY B 37 -7.61 28.45 11.59
CA GLY B 37 -8.18 29.42 12.49
C GLY B 37 -7.18 30.09 13.42
N ILE B 38 -7.66 31.10 14.12
CA ILE B 38 -6.83 31.84 15.06
C ILE B 38 -7.30 31.49 16.47
N PHE B 39 -6.37 31.01 17.29
CA PHE B 39 -6.71 30.57 18.63
C PHE B 39 -5.42 30.26 19.37
N ASN B 40 -5.48 30.31 20.70
CA ASN B 40 -4.31 29.98 21.52
C ASN B 40 -4.51 28.65 22.26
N ARG B 41 -5.75 28.19 22.35
CA ARG B 41 -6.06 26.93 23.02
C ARG B 41 -7.34 26.35 22.46
N TYR B 42 -7.68 25.14 22.86
CA TYR B 42 -8.90 24.54 22.39
C TYR B 42 -9.79 24.40 23.59
N ASN B 43 -11.08 24.21 23.33
CA ASN B 43 -12.01 23.91 24.40
C ASN B 43 -12.28 22.44 24.07
N VAL B 44 -11.69 21.53 24.82
CA VAL B 44 -11.87 20.09 24.59
C VAL B 44 -13.14 19.70 25.33
N ILE B 45 -14.16 19.28 24.59
CA ILE B 45 -15.44 18.96 25.23
C ILE B 45 -15.82 17.48 25.29
N ARG B 46 -14.99 16.64 24.69
CA ARG B 46 -15.29 15.24 24.73
C ARG B 46 -14.14 14.46 24.16
N ILE B 47 -13.82 13.34 24.84
CA ILE B 47 -12.77 12.46 24.37
C ILE B 47 -13.30 11.05 24.48
N GLN B 48 -13.31 10.34 23.36
CA GLN B 48 -13.83 8.99 23.33
C GLN B 48 -12.78 8.01 22.80
N LYS B 49 -12.66 6.87 23.47
CA LYS B 49 -11.75 5.84 22.99
C LYS B 49 -12.53 5.02 21.97
N VAL B 50 -11.91 4.79 20.83
CA VAL B 50 -12.55 4.03 19.76
C VAL B 50 -12.23 2.57 19.96
N VAL B 51 -13.26 1.75 20.00
CA VAL B 51 -13.08 0.32 20.16
C VAL B 51 -13.71 -0.39 18.96
N ASN B 52 -12.87 -1.03 18.15
CA ASN B 52 -13.32 -1.78 16.99
C ASN B 52 -12.37 -2.98 16.88
N LYS B 53 -12.94 -4.17 17.04
CA LYS B 53 -12.21 -5.42 17.01
C LYS B 53 -11.54 -5.66 15.66
N LYS B 54 -12.30 -5.49 14.60
CA LYS B 54 -11.80 -5.69 13.26
C LYS B 54 -10.59 -4.79 12.96
N LEU B 55 -10.68 -3.51 13.28
CA LEU B 55 -9.59 -2.59 13.04
C LEU B 55 -8.39 -2.90 13.93
N ARG B 56 -8.66 -3.21 15.19
CA ARG B 56 -7.59 -3.55 16.12
C ARG B 56 -6.79 -4.77 15.62
N GLU B 57 -7.50 -5.75 15.07
CA GLU B 57 -6.90 -6.99 14.56
C GLU B 57 -5.95 -6.68 13.42
N ARG B 58 -6.44 -5.90 12.46
CA ARG B 58 -5.64 -5.55 11.30
C ARG B 58 -4.43 -4.74 11.74
N PHE B 59 -4.65 -3.80 12.65
CA PHE B 59 -3.57 -3.00 13.15
C PHE B 59 -2.46 -3.87 13.78
N CYS B 60 -2.84 -4.79 14.66
CA CYS B 60 -1.86 -5.64 15.35
C CYS B 60 -1.15 -6.60 14.41
N HIS B 61 -1.90 -7.17 13.49
CA HIS B 61 -1.37 -8.10 12.51
C HIS B 61 -0.23 -7.40 11.75
N ARG B 62 -0.48 -6.15 11.36
CA ARG B 62 0.50 -5.38 10.62
C ARG B 62 1.69 -5.00 11.51
N GLN B 63 1.41 -4.62 12.75
CA GLN B 63 2.48 -4.28 13.68
C GLN B 63 3.53 -5.40 13.72
N LYS B 64 3.07 -6.65 13.73
CA LYS B 64 3.98 -7.78 13.79
C LYS B 64 4.84 -7.88 12.55
N GLU B 65 4.26 -7.68 11.38
CA GLU B 65 5.07 -7.76 10.18
C GLU B 65 6.11 -6.64 10.16
N VAL B 66 5.72 -5.48 10.63
CA VAL B 66 6.65 -4.36 10.65
C VAL B 66 7.75 -4.69 11.64
N SER B 67 7.37 -5.09 12.84
CA SER B 67 8.37 -5.44 13.84
C SER B 67 9.40 -6.39 13.24
N GLU B 68 8.94 -7.46 12.59
CA GLU B 68 9.86 -8.40 11.97
C GLU B 68 10.80 -7.76 10.96
N GLU B 69 10.35 -6.73 10.27
CA GLU B 69 11.22 -6.07 9.29
C GLU B 69 11.94 -4.89 9.90
N ASN B 70 11.94 -4.77 11.21
CA ASN B 70 12.57 -3.61 11.82
C ASN B 70 13.17 -3.91 13.18
N HIS B 71 13.96 -4.99 13.26
CA HIS B 71 14.62 -5.38 14.50
C HIS B 71 13.65 -5.56 15.64
N ASN B 72 12.48 -6.10 15.33
CA ASN B 72 11.47 -6.29 16.35
C ASN B 72 11.07 -5.00 17.05
N HIS B 73 10.91 -3.95 16.26
CA HIS B 73 10.48 -2.67 16.80
C HIS B 73 9.33 -2.18 15.95
N HIS B 74 8.22 -1.85 16.59
CA HIS B 74 7.07 -1.33 15.88
C HIS B 74 7.35 0.11 15.53
N ASN B 75 8.04 0.77 16.46
CA ASN B 75 8.35 2.18 16.37
C ASN B 75 6.99 2.84 16.28
N GLU B 76 6.19 2.61 17.31
CA GLU B 76 4.86 3.18 17.38
C GLU B 76 4.91 4.57 17.99
N ARG B 77 4.09 5.48 17.48
CA ARG B 77 4.06 6.83 18.04
C ARG B 77 2.62 7.30 18.01
N MET B 78 2.24 8.13 18.98
CA MET B 78 0.89 8.66 19.02
C MET B 78 0.98 9.94 18.24
N LEU B 79 0.11 10.09 17.25
CA LEU B 79 0.12 11.28 16.42
C LEU B 79 -1.31 11.70 16.11
N PHE B 80 -1.50 12.98 15.86
CA PHE B 80 -2.82 13.50 15.51
C PHE B 80 -3.12 13.40 14.03
N HIS B 81 -4.40 13.28 13.72
CA HIS B 81 -4.86 13.27 12.34
C HIS B 81 -6.17 13.98 12.30
N GLY B 82 -6.27 14.96 11.43
CA GLY B 82 -7.53 15.67 11.31
C GLY B 82 -7.97 15.64 9.87
N SER B 83 -9.25 15.40 9.62
CA SER B 83 -9.76 15.39 8.26
C SER B 83 -11.27 15.31 8.27
N PRO B 84 -11.91 15.60 7.13
CA PRO B 84 -13.37 15.53 7.12
C PRO B 84 -13.89 14.09 7.16
N PHE B 85 -12.98 13.11 7.25
CA PHE B 85 -13.41 11.71 7.21
C PHE B 85 -13.35 10.95 8.52
N ILE B 86 -13.28 11.69 9.62
CA ILE B 86 -13.22 11.11 10.93
C ILE B 86 -14.28 10.03 11.17
N ASN B 87 -15.53 10.33 10.85
CA ASN B 87 -16.58 9.35 11.09
C ASN B 87 -16.31 8.08 10.30
N ALA B 88 -15.94 8.24 9.04
CA ALA B 88 -15.64 7.07 8.21
C ALA B 88 -14.43 6.33 8.76
N ILE B 89 -13.46 7.07 9.28
CA ILE B 89 -12.26 6.41 9.80
C ILE B 89 -12.47 5.61 11.08
N ILE B 90 -13.33 6.07 11.96
CA ILE B 90 -13.53 5.32 13.19
C ILE B 90 -14.34 4.07 12.97
N HIS B 91 -15.02 3.96 11.84
CA HIS B 91 -15.80 2.77 11.56
C HIS B 91 -15.09 1.82 10.59
N LYS B 92 -14.42 2.40 9.60
CA LYS B 92 -13.75 1.61 8.59
C LYS B 92 -12.23 1.60 8.69
N GLY B 93 -11.68 2.54 9.44
CA GLY B 93 -10.24 2.63 9.57
C GLY B 93 -9.65 3.50 8.47
N PHE B 94 -8.36 3.82 8.60
CA PHE B 94 -7.67 4.63 7.61
C PHE B 94 -7.51 3.88 6.28
N ASP B 95 -7.67 4.61 5.18
CA ASP B 95 -7.62 3.98 3.88
C ASP B 95 -6.81 4.80 2.88
N GLU B 96 -5.64 4.27 2.52
CA GLU B 96 -4.74 4.93 1.58
C GLU B 96 -5.34 5.07 0.19
N ARG B 97 -6.37 4.27 -0.13
CA ARG B 97 -7.02 4.37 -1.42
C ARG B 97 -7.72 5.72 -1.50
N HIS B 98 -8.01 6.34 -0.36
CA HIS B 98 -8.63 7.63 -0.40
C HIS B 98 -7.59 8.75 -0.47
N ALA B 99 -6.32 8.39 -0.51
CA ALA B 99 -5.27 9.40 -0.58
C ALA B 99 -5.11 9.86 -2.03
N GLY B 103 -0.63 14.99 -2.24
CA GLY B 103 -0.06 15.21 -0.93
C GLY B 103 1.41 15.53 -1.07
N MET B 104 1.93 16.38 -0.19
CA MET B 104 3.33 16.75 -0.21
C MET B 104 4.29 15.56 -0.26
N PHE B 105 3.98 14.48 0.44
CA PHE B 105 4.86 13.34 0.40
C PHE B 105 4.19 12.12 -0.18
N GLY B 106 3.28 12.35 -1.11
CA GLY B 106 2.66 11.22 -1.77
C GLY B 106 1.31 10.80 -1.28
N ALA B 107 0.83 9.69 -1.85
CA ALA B 107 -0.47 9.11 -1.56
C ALA B 107 -0.46 8.31 -0.27
N GLY B 108 -0.21 8.98 0.84
CA GLY B 108 -0.18 8.30 2.11
C GLY B 108 -1.26 8.86 3.01
N ILE B 109 -1.26 8.40 4.26
CA ILE B 109 -2.20 8.87 5.27
C ILE B 109 -1.30 9.69 6.19
N TYR B 110 -1.67 10.94 6.40
CA TYR B 110 -0.88 11.89 7.18
C TYR B 110 -1.23 12.09 8.65
N PHE B 111 -0.17 12.25 9.45
CA PHE B 111 -0.28 12.48 10.86
C PHE B 111 0.72 13.55 11.24
N ALA B 112 0.48 14.19 12.38
CA ALA B 112 1.35 15.23 12.88
C ALA B 112 1.45 15.13 14.38
N GLU B 113 2.57 15.59 14.93
CA GLU B 113 2.73 15.57 16.38
C GLU B 113 2.12 16.83 16.98
N ASN B 114 1.85 17.80 16.13
CA ASN B 114 1.24 19.05 16.57
C ASN B 114 -0.24 19.10 16.28
N SER B 115 -1.04 19.07 17.34
CA SER B 115 -2.49 19.11 17.19
C SER B 115 -2.91 20.23 16.22
N SER B 116 -2.24 21.37 16.28
CA SER B 116 -2.61 22.49 15.44
C SER B 116 -2.38 22.17 13.97
N LYS B 117 -1.43 21.28 13.67
CA LYS B 117 -1.21 20.92 12.28
C LYS B 117 -2.44 20.18 11.76
N SER B 118 -2.94 19.23 12.54
CA SER B 118 -4.09 18.45 12.14
C SER B 118 -5.34 19.30 12.04
N ASN B 119 -5.46 20.26 12.97
CA ASN B 119 -6.60 21.17 13.00
C ASN B 119 -6.72 21.87 11.66
N GLN B 120 -5.58 22.04 10.99
CA GLN B 120 -5.59 22.70 9.68
C GLN B 120 -6.31 21.84 8.64
N TYR B 121 -6.40 20.52 8.87
CA TYR B 121 -7.05 19.67 7.88
C TYR B 121 -8.45 19.19 8.18
N VAL B 122 -8.90 19.44 9.40
CA VAL B 122 -10.21 18.99 9.85
C VAL B 122 -11.31 19.27 8.83
N TYR B 123 -11.29 20.45 8.22
CA TYR B 123 -12.30 20.80 7.24
C TYR B 123 -11.90 20.59 5.78
N GLY B 124 -10.73 20.02 5.56
CA GLY B 124 -10.28 19.77 4.21
C GLY B 124 -8.87 20.29 4.00
N ILE B 125 -8.39 20.17 2.77
CA ILE B 125 -7.05 20.66 2.45
C ILE B 125 -7.08 22.19 2.58
N GLY B 126 -6.17 22.75 3.33
CA GLY B 126 -6.18 24.19 3.49
C GLY B 126 -7.38 24.62 4.33
N GLY B 127 -7.98 23.67 5.05
CA GLY B 127 -9.13 24.00 5.87
C GLY B 127 -10.39 24.11 5.05
N GLY B 128 -10.32 23.71 3.79
CA GLY B 128 -11.47 23.77 2.90
C GLY B 128 -12.21 25.09 2.91
N THR B 129 -13.54 25.02 2.94
CA THR B 129 -14.34 26.22 2.99
C THR B 129 -14.76 26.46 4.43
N GLY B 130 -14.06 25.83 5.36
CA GLY B 130 -14.40 25.99 6.77
C GLY B 130 -15.52 25.07 7.23
N CYS B 131 -16.18 25.47 8.32
CA CYS B 131 -17.26 24.67 8.88
C CYS B 131 -18.47 24.61 7.97
N PRO B 132 -19.15 23.47 7.97
CA PRO B 132 -20.32 23.32 7.11
C PRO B 132 -21.31 24.48 7.30
N THR B 133 -21.66 24.75 8.55
CA THR B 133 -22.62 25.79 8.89
C THR B 133 -22.29 27.20 8.49
N HIS B 134 -21.13 27.67 8.91
CA HIS B 134 -20.74 29.05 8.64
C HIS B 134 -19.66 29.30 7.61
N LYS B 135 -19.14 28.25 6.98
CA LYS B 135 -18.08 28.43 6.00
C LYS B 135 -17.03 29.35 6.61
N ASP B 136 -16.59 29.01 7.82
CA ASP B 136 -15.62 29.81 8.53
C ASP B 136 -14.48 28.91 9.01
N ARG B 137 -13.29 29.07 8.43
CA ARG B 137 -12.18 28.24 8.83
C ARG B 137 -11.73 28.55 10.26
N SER B 138 -12.14 29.69 10.79
CA SER B 138 -11.77 30.03 12.16
C SER B 138 -12.98 30.07 13.05
N CYS B 139 -14.02 29.37 12.63
CA CYS B 139 -15.26 29.32 13.39
C CYS B 139 -15.02 28.83 14.82
N TYR B 140 -15.51 29.59 15.80
CA TYR B 140 -15.36 29.24 17.22
C TYR B 140 -16.66 28.58 17.72
N ILE B 141 -17.66 28.49 16.86
CA ILE B 141 -18.93 27.91 17.26
C ILE B 141 -19.00 26.42 17.01
N CYS B 142 -18.67 26.02 15.79
CA CYS B 142 -18.77 24.62 15.41
C CYS B 142 -17.79 23.63 16.05
N HIS B 143 -18.29 22.43 16.30
CA HIS B 143 -17.47 21.41 16.93
C HIS B 143 -16.60 20.68 15.91
N ARG B 144 -15.31 20.58 16.19
CA ARG B 144 -14.37 19.91 15.31
C ARG B 144 -14.02 18.55 15.94
N GLN B 145 -13.51 17.63 15.12
CA GLN B 145 -13.07 16.36 15.67
C GLN B 145 -11.68 16.11 15.14
N MET B 146 -10.87 15.49 15.98
CA MET B 146 -9.50 15.18 15.64
C MET B 146 -9.26 13.82 16.24
N LEU B 147 -8.33 13.06 15.66
CA LEU B 147 -7.99 11.75 16.18
C LEU B 147 -6.58 11.76 16.72
N PHE B 148 -6.38 11.13 17.86
CA PHE B 148 -5.06 11.01 18.44
C PHE B 148 -4.87 9.52 18.23
N CYS B 149 -4.01 9.18 17.28
CA CYS B 149 -3.82 7.80 16.86
C CYS B 149 -2.53 7.07 17.17
N ARG B 150 -2.64 5.75 17.21
CA ARG B 150 -1.48 4.88 17.40
C ARG B 150 -0.98 4.71 15.99
N VAL B 151 0.29 5.05 15.77
CA VAL B 151 0.83 4.93 14.45
C VAL B 151 2.09 4.08 14.41
N THR B 152 2.04 3.05 13.57
CA THR B 152 3.13 2.11 13.39
C THR B 152 4.07 2.67 12.32
N LEU B 153 5.21 3.24 12.75
CA LEU B 153 6.16 3.85 11.82
C LEU B 153 7.22 2.90 11.32
N GLY B 154 7.52 1.88 12.12
CA GLY B 154 8.54 0.91 11.75
C GLY B 154 9.83 1.64 11.43
N LYS B 155 10.43 1.25 10.32
CA LYS B 155 11.65 1.85 9.85
C LYS B 155 11.24 3.08 9.02
N SER B 156 11.44 4.27 9.59
CA SER B 156 11.08 5.50 8.92
C SER B 156 12.13 5.97 7.91
N PHE B 157 11.64 6.50 6.79
CA PHE B 157 12.48 7.04 5.73
C PHE B 157 12.39 8.56 5.84
N LEU B 158 13.54 9.25 5.91
CA LEU B 158 13.53 10.72 5.99
C LEU B 158 13.58 11.31 4.59
N GLN B 159 12.56 12.12 4.28
CA GLN B 159 12.38 12.75 2.99
C GLN B 159 12.46 14.26 3.14
N PHE B 160 13.18 14.94 2.28
CA PHE B 160 13.33 16.38 2.47
C PHE B 160 12.87 17.36 1.39
N SER B 161 11.84 16.97 0.65
CA SER B 161 11.23 17.86 -0.36
C SER B 161 10.00 17.11 -0.81
N THR B 162 9.09 17.81 -1.49
CA THR B 162 7.89 17.13 -1.97
C THR B 162 8.32 16.04 -2.90
N ILE B 163 7.47 15.03 -2.96
CA ILE B 163 7.73 13.89 -3.79
C ILE B 163 6.44 13.11 -4.02
N LYS B 164 6.34 12.53 -5.20
CA LYS B 164 5.20 11.74 -5.54
C LYS B 164 5.54 10.31 -5.15
N MET B 165 5.19 9.86 -3.94
CA MET B 165 5.43 8.45 -3.70
C MET B 165 4.14 7.72 -3.34
N ALA B 166 4.10 6.43 -3.68
CA ALA B 166 2.92 5.61 -3.45
C ALA B 166 3.01 4.69 -2.24
N HIS B 167 4.24 4.36 -1.86
CA HIS B 167 4.49 3.46 -0.73
C HIS B 167 5.82 3.90 -0.15
N ALA B 168 6.12 3.46 1.08
CA ALA B 168 7.40 3.81 1.67
C ALA B 168 8.45 3.13 0.80
N PRO B 169 9.68 3.65 0.79
CA PRO B 169 10.72 3.04 -0.02
C PRO B 169 11.03 1.61 0.46
N PRO B 170 11.78 0.84 -0.34
CA PRO B 170 12.11 -0.53 0.08
C PRO B 170 12.72 -0.57 1.50
N GLY B 171 12.38 -1.59 2.27
CA GLY B 171 12.91 -1.71 3.60
C GLY B 171 12.30 -0.74 4.60
N HIS B 172 11.44 0.17 4.15
CA HIS B 172 10.81 1.10 5.09
C HIS B 172 9.31 0.89 5.25
N HIS B 173 8.74 1.56 6.24
CA HIS B 173 7.32 1.43 6.53
C HIS B 173 6.60 2.75 6.74
N SER B 174 7.35 3.84 6.61
CA SER B 174 6.78 5.17 6.77
C SER B 174 7.76 6.20 6.32
N VAL B 175 7.25 7.40 6.11
CA VAL B 175 8.05 8.53 5.68
C VAL B 175 7.83 9.71 6.62
N ILE B 176 8.92 10.21 7.18
CA ILE B 176 8.87 11.39 8.02
C ILE B 176 9.36 12.43 7.01
N GLY B 177 8.44 13.22 6.49
CA GLY B 177 8.80 14.17 5.47
C GLY B 177 8.88 15.63 5.85
N ARG B 178 9.95 16.27 5.39
CA ARG B 178 10.16 17.67 5.65
C ARG B 178 10.11 18.38 4.29
N PRO B 179 9.49 19.57 4.27
CA PRO B 179 9.36 20.32 3.02
C PRO B 179 10.66 20.91 2.48
N SER B 180 11.69 20.93 3.29
CA SER B 180 12.96 21.48 2.83
C SER B 180 14.10 20.70 3.45
N VAL B 181 15.26 20.79 2.82
CA VAL B 181 16.44 20.08 3.31
C VAL B 181 16.95 20.83 4.54
N ASN B 182 16.25 20.63 5.64
CA ASN B 182 16.52 21.28 6.90
C ASN B 182 16.11 20.34 8.02
N GLY B 183 17.11 19.88 8.78
CA GLY B 183 16.83 18.95 9.87
C GLY B 183 15.95 19.55 10.93
N LEU B 184 15.87 20.87 10.96
CA LEU B 184 15.04 21.56 11.94
C LEU B 184 13.63 21.82 11.48
N ALA B 185 13.34 21.55 10.21
CA ALA B 185 12.00 21.80 9.69
C ALA B 185 10.94 20.87 10.30
N TYR B 186 9.73 21.37 10.43
CA TYR B 186 8.64 20.57 10.97
C TYR B 186 8.38 19.43 10.01
N ALA B 187 8.12 18.26 10.58
CA ALA B 187 7.90 17.08 9.78
C ALA B 187 6.46 16.60 9.79
N GLU B 188 6.11 15.85 8.75
CA GLU B 188 4.79 15.25 8.62
C GLU B 188 5.11 13.76 8.67
N TYR B 189 4.20 12.98 9.26
CA TYR B 189 4.39 11.55 9.37
C TYR B 189 3.42 10.92 8.42
N VAL B 190 3.94 10.17 7.47
CA VAL B 190 3.11 9.56 6.48
C VAL B 190 3.28 8.06 6.42
N ILE B 191 2.16 7.34 6.39
CA ILE B 191 2.18 5.89 6.25
C ILE B 191 1.41 5.61 4.97
N TYR B 192 1.67 4.48 4.33
CA TYR B 192 1.00 4.19 3.08
C TYR B 192 0.07 2.98 3.11
N ARG B 193 -0.19 2.52 4.32
CA ARG B 193 -1.09 1.39 4.57
C ARG B 193 -1.98 1.79 5.73
N GLY B 194 -3.27 1.89 5.43
CA GLY B 194 -4.21 2.29 6.44
C GLY B 194 -4.08 1.51 7.73
N GLU B 195 -3.63 0.25 7.67
CA GLU B 195 -3.55 -0.53 8.89
C GLU B 195 -2.38 -0.22 9.80
N GLN B 196 -1.54 0.75 9.47
CA GLN B 196 -0.43 1.08 10.37
C GLN B 196 -0.81 2.19 11.33
N ALA B 197 -2.10 2.46 11.43
CA ALA B 197 -2.59 3.49 12.33
C ALA B 197 -3.91 3.07 12.95
N TYR B 198 -4.03 3.26 14.25
CA TYR B 198 -5.29 2.94 14.89
C TYR B 198 -5.86 4.23 15.50
N PRO B 199 -7.11 4.53 15.16
CA PRO B 199 -7.74 5.75 15.68
C PRO B 199 -8.14 5.52 17.13
N GLU B 200 -7.15 5.57 18.01
CA GLU B 200 -7.34 5.34 19.43
C GLU B 200 -8.32 6.31 20.10
N TYR B 201 -8.10 7.62 19.92
CA TYR B 201 -8.96 8.62 20.54
C TYR B 201 -9.71 9.58 19.62
N LEU B 202 -11.00 9.71 19.88
CA LEU B 202 -11.86 10.64 19.15
C LEU B 202 -12.07 11.83 20.08
N ILE B 203 -11.40 12.92 19.75
CA ILE B 203 -11.46 14.17 20.52
C ILE B 203 -12.42 15.16 19.86
N THR B 204 -13.43 15.60 20.59
CA THR B 204 -14.36 16.58 20.03
C THR B 204 -13.98 17.90 20.66
N TYR B 205 -13.86 18.95 19.86
CA TYR B 205 -13.42 20.22 20.42
C TYR B 205 -13.76 21.43 19.58
N GLN B 206 -13.41 22.58 20.13
CA GLN B 206 -13.55 23.85 19.43
C GLN B 206 -12.23 24.57 19.65
N ILE B 207 -11.85 25.44 18.71
CA ILE B 207 -10.68 26.26 18.92
C ILE B 207 -11.31 27.43 19.69
N MET B 208 -10.55 28.07 20.56
CA MET B 208 -11.11 29.19 21.31
C MET B 208 -10.49 30.49 20.87
N LYS B 209 -11.34 31.52 20.78
CA LYS B 209 -10.83 32.82 20.37
C LYS B 209 -9.77 33.26 21.35
N PRO B 210 -8.74 33.95 20.85
CA PRO B 210 -7.61 34.47 21.65
C PRO B 210 -8.12 35.40 22.74
N GLU B 211 -7.50 35.39 23.91
CA GLU B 211 -7.96 36.25 25.00
C GLU B 211 -6.84 37.12 25.54
#